data_3MF4
#
_entry.id   3MF4
#
_cell.length_a   40.919
_cell.length_b   53.269
_cell.length_c   57.908
_cell.angle_alpha   61.950
_cell.angle_beta   81.090
_cell.angle_gamma   78.760
#
_symmetry.space_group_name_H-M   'P 1'
#
loop_
_entity.id
_entity.type
_entity.pdbx_description
1 polymer 'Two-component system response regulator/GGDEF domain protein'
2 non-polymer 'MAGNESIUM ION'
3 water water
#
_entity_poly.entity_id   1
_entity_poly.type   'polypeptide(L)'
_entity_poly.pdbx_seq_one_letter_code
;(MSE)SLKQKILIVEDS(MSE)TIRR(MSE)LIQAIAQQTGLEIDAFDTLEGARHCQGDEYVVALVDLTLPDAPSGEAVK
VLLERGLPVVILTADISEDKREAWLEAGVLDYV(MSE)KDSRHSLQYAVGLVHRLYLNQQIEVLVVDDSRTSRHRT
(MSE)AQLRKQLLQVHEASHAREALATLEQHPAIRLVLVDYY(MSE)PEIDGISLVR(MSE)LRERYSKQQLAIIGISVS
DKRGLSARYLKQGANDFLNQPFEPEELQCRVSHNLEALEQFNSEGHHHHHH
;
_entity_poly.pdbx_strand_id   A,B
#
# COMPACT_ATOMS: atom_id res chain seq x y z
N LYS A 4 9.24 17.75 18.46
CA LYS A 4 8.98 19.06 17.77
C LYS A 4 7.56 19.10 17.24
N GLN A 5 6.90 20.26 17.41
CA GLN A 5 5.47 20.40 17.10
C GLN A 5 5.12 21.54 16.15
N LYS A 6 6.11 22.09 15.45
CA LYS A 6 5.91 23.30 14.67
C LYS A 6 6.36 23.15 13.22
N ILE A 7 5.60 23.74 12.32
CA ILE A 7 5.93 23.68 10.90
C ILE A 7 6.33 25.12 10.51
N LEU A 8 7.38 25.24 9.72
CA LEU A 8 7.77 26.51 9.14
C LEU A 8 7.30 26.56 7.69
N ILE A 9 6.73 27.68 7.29
CA ILE A 9 6.35 27.92 5.89
C ILE A 9 6.96 29.26 5.49
N VAL A 10 7.69 29.26 4.36
CA VAL A 10 8.28 30.48 3.83
C VAL A 10 7.80 30.56 2.38
N GLU A 11 6.83 31.41 2.11
CA GLU A 11 6.12 31.39 0.83
C GLU A 11 5.48 32.77 0.67
N ASP A 12 5.80 33.48 -0.40
CA ASP A 12 5.27 34.84 -0.58
C ASP A 12 3.85 34.96 -1.19
N SER A 13 3.40 33.91 -1.88
CA SER A 13 2.01 33.89 -2.32
C SER A 13 1.03 33.91 -1.14
N THR A 15 -2.20 33.64 -1.25
CA THR A 15 -3.12 32.53 -1.45
C THR A 15 -2.53 31.17 -1.02
N ILE A 16 -1.30 30.85 -1.46
CA ILE A 16 -0.72 29.55 -1.13
C ILE A 16 -0.41 29.45 0.36
N ARG A 17 0.16 30.51 0.89
CA ARG A 17 0.47 30.51 2.30
C ARG A 17 -0.82 30.25 3.09
N ARG A 18 -1.89 30.99 2.78
CA ARG A 18 -3.17 30.81 3.48
C ARG A 18 -3.83 29.44 3.30
N LEU A 20 -2.28 26.65 2.87
CA LEU A 20 -1.44 25.76 3.66
C LEU A 20 -1.66 25.91 5.16
N ILE A 21 -1.76 27.14 5.64
CA ILE A 21 -2.02 27.37 7.07
C ILE A 21 -3.40 26.79 7.43
N GLN A 22 -4.42 27.13 6.64
CA GLN A 22 -5.78 26.66 6.91
C GLN A 22 -5.81 25.12 6.97
N ALA A 23 -5.18 24.48 5.98
CA ALA A 23 -5.26 23.02 5.83
C ALA A 23 -4.51 22.26 6.91
N ILE A 24 -3.26 22.68 7.15
CA ILE A 24 -2.43 22.10 8.20
C ILE A 24 -3.07 22.34 9.58
N ALA A 25 -3.56 23.56 9.79
CA ALA A 25 -4.23 23.89 11.06
C ALA A 25 -5.44 22.99 11.34
N GLN A 26 -6.29 22.82 10.32
CA GLN A 26 -7.55 22.06 10.44
C GLN A 26 -7.32 20.56 10.52
N GLN A 27 -6.44 20.05 9.66
CA GLN A 27 -6.27 18.60 9.53
C GLN A 27 -5.28 17.99 10.52
N THR A 28 -4.32 18.79 10.99
CA THR A 28 -3.22 18.26 11.81
C THR A 28 -3.13 18.85 13.22
N GLY A 29 -3.61 20.08 13.38
CA GLY A 29 -3.53 20.75 14.69
C GLY A 29 -2.13 21.16 15.12
N LEU A 30 -1.17 21.02 14.21
CA LEU A 30 0.21 21.46 14.44
C LEU A 30 0.37 22.98 14.48
N GLU A 31 1.36 23.43 15.24
CA GLU A 31 1.77 24.83 15.30
C GLU A 31 2.41 25.24 13.97
N ILE A 32 2.22 26.49 13.59
CA ILE A 32 2.74 27.01 12.33
C ILE A 32 3.28 28.41 12.49
N ASP A 33 4.52 28.62 12.00
CA ASP A 33 5.03 29.96 11.66
C ASP A 33 5.14 30.11 10.12
N ALA A 34 4.57 31.18 9.59
CA ALA A 34 4.60 31.43 8.16
C ALA A 34 5.07 32.85 7.86
N PHE A 35 6.02 32.94 6.94
CA PHE A 35 6.61 34.22 6.56
C PHE A 35 6.60 34.37 5.06
N ASP A 36 6.49 35.61 4.62
CA ASP A 36 6.46 35.91 3.18
C ASP A 36 7.86 36.22 2.62
N THR A 37 8.87 36.25 3.48
CA THR A 37 10.27 36.47 3.07
C THR A 37 11.18 35.53 3.83
N LEU A 38 12.37 35.28 3.28
CA LEU A 38 13.38 34.52 3.98
C LEU A 38 13.81 35.29 5.24
N GLU A 39 13.83 36.62 5.14
CA GLU A 39 14.22 37.46 6.26
C GLU A 39 13.28 37.29 7.48
N GLY A 40 12.01 36.99 7.23
CA GLY A 40 11.07 36.75 8.33
C GLY A 40 11.45 35.53 9.15
N ALA A 41 12.01 34.54 8.46
CA ALA A 41 12.43 33.26 9.05
C ALA A 41 13.86 33.26 9.64
N ARG A 42 14.42 34.45 9.88
CA ARG A 42 15.82 34.58 10.36
C ARG A 42 16.11 33.94 11.73
N HIS A 43 15.19 34.09 12.69
CA HIS A 43 15.35 33.53 14.04
C HIS A 43 15.16 32.01 14.10
N CYS A 44 14.65 31.43 13.01
CA CYS A 44 14.28 30.02 13.01
C CYS A 44 15.48 29.06 13.14
N GLN A 45 15.44 28.19 14.14
CA GLN A 45 16.48 27.14 14.29
C GLN A 45 15.93 25.74 14.07
N GLY A 46 16.82 24.81 13.77
CA GLY A 46 16.45 23.43 13.46
C GLY A 46 15.66 22.72 14.56
N ASP A 47 15.99 23.02 15.81
CA ASP A 47 15.47 22.26 16.94
C ASP A 47 14.00 22.53 17.26
N GLU A 48 13.43 23.57 16.65
CA GLU A 48 12.04 23.93 16.93
C GLU A 48 11.03 23.41 15.89
N TYR A 49 11.49 23.21 14.66
CA TYR A 49 10.59 22.83 13.57
C TYR A 49 10.78 21.39 13.12
N VAL A 50 9.67 20.70 12.90
CA VAL A 50 9.67 19.38 12.29
C VAL A 50 10.31 19.50 10.90
N VAL A 51 9.85 20.51 10.17
CA VAL A 51 10.17 20.66 8.76
C VAL A 51 9.79 22.06 8.30
N ALA A 52 10.49 22.54 7.27
CA ALA A 52 10.21 23.80 6.61
C ALA A 52 9.69 23.54 5.17
N LEU A 53 8.55 24.15 4.84
CA LEU A 53 8.04 24.19 3.47
C LEU A 53 8.54 25.47 2.84
N VAL A 54 9.31 25.34 1.77
CA VAL A 54 10.14 26.45 1.27
C VAL A 54 9.88 26.73 -0.21
N ASP A 55 9.46 27.96 -0.49
CA ASP A 55 9.28 28.45 -1.84
C ASP A 55 10.65 28.77 -2.45
N LEU A 56 10.79 28.46 -3.73
CA LEU A 56 11.99 28.85 -4.50
C LEU A 56 11.92 30.26 -5.09
N THR A 57 10.73 30.86 -5.12
CA THR A 57 10.57 32.24 -5.60
C THR A 57 10.30 33.26 -4.50
N LEU A 58 11.25 33.50 -3.60
CA LEU A 58 11.03 34.53 -2.56
C LEU A 58 11.57 35.93 -2.94
N PRO A 59 11.00 36.99 -2.41
CA PRO A 59 11.46 38.30 -2.80
C PRO A 59 12.93 38.57 -2.46
N ASP A 60 13.43 38.01 -1.37
CA ASP A 60 14.80 38.15 -0.93
C ASP A 60 15.65 36.87 -1.14
N ALA A 61 15.07 35.97 -1.96
CA ALA A 61 15.67 34.74 -2.36
C ALA A 61 14.88 34.15 -3.51
N PRO A 62 15.02 34.79 -4.65
CA PRO A 62 14.22 34.47 -5.84
C PRO A 62 14.63 33.30 -6.66
N SER A 63 15.75 32.70 -6.35
CA SER A 63 16.21 31.50 -7.08
C SER A 63 16.59 30.36 -6.15
N GLY A 64 15.76 30.12 -5.13
CA GLY A 64 15.91 28.93 -4.33
C GLY A 64 16.88 29.09 -3.16
N GLU A 65 17.42 30.29 -2.99
CA GLU A 65 18.45 30.55 -1.96
C GLU A 65 18.02 30.17 -0.53
N ALA A 66 16.72 30.23 -0.25
CA ALA A 66 16.21 29.91 1.09
C ALA A 66 16.46 28.46 1.48
N VAL A 67 16.53 27.57 0.48
CA VAL A 67 16.73 26.14 0.68
C VAL A 67 18.04 25.84 1.41
N LYS A 68 19.17 26.29 0.85
N LYS A 68 19.17 26.29 0.85
CA LYS A 68 20.49 26.08 1.44
CA LYS A 68 20.49 26.05 1.46
C LYS A 68 20.60 26.77 2.80
C LYS A 68 20.62 26.78 2.79
N VAL A 69 20.03 27.98 2.89
CA VAL A 69 20.10 28.77 4.14
C VAL A 69 19.45 27.99 5.29
N LEU A 70 18.30 27.40 5.03
CA LEU A 70 17.55 26.71 6.08
C LEU A 70 18.11 25.32 6.39
N LEU A 71 18.51 24.60 5.35
CA LEU A 71 19.23 23.33 5.53
C LEU A 71 20.47 23.48 6.41
N GLU A 72 21.20 24.59 6.27
CA GLU A 72 22.42 24.85 7.06
C GLU A 72 22.17 25.28 8.51
N ARG A 73 20.95 25.73 8.81
CA ARG A 73 20.50 25.97 10.19
C ARG A 73 19.94 24.71 10.85
N GLY A 74 19.92 23.61 10.10
CA GLY A 74 19.47 22.32 10.64
C GLY A 74 17.99 22.03 10.44
N LEU A 75 17.34 22.76 9.54
CA LEU A 75 15.95 22.53 9.27
C LEU A 75 15.81 21.57 8.09
N PRO A 76 15.05 20.48 8.27
CA PRO A 76 14.69 19.69 7.08
C PRO A 76 13.84 20.55 6.17
N VAL A 77 14.02 20.40 4.85
CA VAL A 77 13.33 21.26 3.93
C VAL A 77 12.53 20.42 2.92
N VAL A 78 11.28 20.82 2.72
CA VAL A 78 10.47 20.38 1.59
C VAL A 78 10.20 21.57 0.67
N ILE A 79 10.60 21.43 -0.59
CA ILE A 79 10.50 22.51 -1.57
C ILE A 79 9.09 22.61 -2.13
N LEU A 80 8.57 23.85 -2.17
CA LEU A 80 7.31 24.13 -2.85
C LEU A 80 7.63 24.60 -4.27
N THR A 81 7.09 23.90 -5.27
CA THR A 81 7.47 24.18 -6.64
C THR A 81 6.31 24.17 -7.64
N ALA A 82 6.32 25.12 -8.59
CA ALA A 82 5.31 25.18 -9.64
C ALA A 82 5.63 24.24 -10.81
N ASP A 83 6.90 23.88 -10.92
CA ASP A 83 7.43 23.10 -12.04
C ASP A 83 8.30 21.97 -11.51
N ILE A 84 8.43 20.92 -12.31
CA ILE A 84 9.35 19.83 -12.01
C ILE A 84 10.07 19.35 -13.28
N SER A 85 11.26 18.79 -13.10
CA SER A 85 11.99 18.09 -14.16
C SER A 85 12.95 17.09 -13.54
N GLU A 86 13.42 16.14 -14.35
CA GLU A 86 14.35 15.12 -13.89
C GLU A 86 15.57 15.78 -13.26
N ASP A 87 16.13 16.77 -13.96
CA ASP A 87 17.30 17.52 -13.50
C ASP A 87 17.06 18.27 -12.18
N LYS A 88 15.88 18.87 -12.05
CA LYS A 88 15.54 19.62 -10.83
C LYS A 88 15.34 18.68 -9.63
N ARG A 89 14.67 17.56 -9.87
CA ARG A 89 14.49 16.55 -8.83
C ARG A 89 15.85 16.06 -8.30
N GLU A 90 16.76 15.75 -9.21
CA GLU A 90 18.05 15.19 -8.82
C GLU A 90 18.87 16.21 -8.04
N ALA A 91 18.91 17.45 -8.54
CA ALA A 91 19.63 18.54 -7.89
C ALA A 91 19.16 18.73 -6.44
N TRP A 92 17.84 18.79 -6.25
CA TRP A 92 17.28 19.06 -4.94
C TRP A 92 17.62 17.96 -3.96
N LEU A 93 17.41 16.72 -4.40
CA LEU A 93 17.66 15.54 -3.59
C LEU A 93 19.15 15.39 -3.24
N GLU A 94 20.03 15.85 -4.15
CA GLU A 94 21.47 15.89 -3.91
C GLU A 94 21.86 16.88 -2.81
N ALA A 95 21.18 18.03 -2.80
CA ALA A 95 21.43 19.08 -1.81
C ALA A 95 20.88 18.73 -0.41
N GLY A 96 20.16 17.62 -0.31
CA GLY A 96 19.65 17.14 0.98
C GLY A 96 18.21 17.53 1.31
N VAL A 97 17.48 17.99 0.29
CA VAL A 97 16.06 18.31 0.44
C VAL A 97 15.26 17.02 0.66
N LEU A 98 14.35 17.01 1.65
CA LEU A 98 13.57 15.78 1.97
C LEU A 98 12.65 15.35 0.83
N ASP A 99 11.99 16.33 0.20
CA ASP A 99 10.96 16.04 -0.77
C ASP A 99 10.54 17.36 -1.41
N TYR A 100 9.71 17.27 -2.44
CA TYR A 100 9.12 18.44 -3.04
C TYR A 100 7.60 18.23 -3.16
N VAL A 101 6.88 19.34 -3.20
CA VAL A 101 5.42 19.36 -3.30
C VAL A 101 5.08 20.29 -4.45
N LYS A 103 2.87 22.85 -6.30
CA LYS A 103 1.91 23.86 -5.83
C LYS A 103 1.19 24.51 -7.00
N ASP A 104 1.07 23.76 -8.10
CA ASP A 104 0.37 24.22 -9.32
C ASP A 104 -1.16 24.14 -9.22
N SER A 105 -1.65 23.38 -8.25
CA SER A 105 -3.08 23.23 -8.00
C SER A 105 -3.30 22.99 -6.52
N ARG A 106 -4.52 23.24 -6.07
CA ARG A 106 -4.85 23.00 -4.66
C ARG A 106 -4.73 21.52 -4.30
N HIS A 107 -5.16 20.60 -5.18
CA HIS A 107 -5.03 19.17 -4.87
C HIS A 107 -3.57 18.68 -4.78
N SER A 108 -2.66 19.26 -5.56
CA SER A 108 -1.27 18.85 -5.47
CA SER A 108 -1.28 18.83 -5.46
C SER A 108 -0.68 19.42 -4.18
N LEU A 109 -1.13 20.62 -3.84
CA LEU A 109 -0.66 21.32 -2.65
C LEU A 109 -1.06 20.52 -1.42
N GLN A 110 -2.16 19.77 -1.52
CA GLN A 110 -2.65 18.96 -0.39
C GLN A 110 -1.63 17.88 0.04
N TYR A 111 -0.76 17.48 -0.89
CA TYR A 111 0.31 16.51 -0.61
C TYR A 111 1.17 16.98 0.60
N ALA A 112 1.45 18.28 0.63
CA ALA A 112 2.17 18.90 1.75
C ALA A 112 1.52 18.65 3.11
N VAL A 113 0.19 18.63 3.13
CA VAL A 113 -0.56 18.51 4.40
C VAL A 113 -0.42 17.12 5.00
N GLY A 114 -0.66 16.10 4.19
CA GLY A 114 -0.42 14.72 4.64
C GLY A 114 1.05 14.49 4.98
N LEU A 115 1.96 15.12 4.23
CA LEU A 115 3.39 14.92 4.46
C LEU A 115 3.82 15.49 5.82
N VAL A 116 3.39 16.70 6.17
CA VAL A 116 3.89 17.32 7.42
C VAL A 116 3.32 16.59 8.64
N HIS A 117 2.11 16.05 8.49
CA HIS A 117 1.48 15.28 9.54
C HIS A 117 2.26 13.96 9.67
N ARG A 118 2.52 13.29 8.54
CA ARG A 118 3.36 12.06 8.57
C ARG A 118 4.73 12.31 9.22
N LEU A 119 5.40 13.40 8.84
CA LEU A 119 6.77 13.66 9.32
C LEU A 119 6.78 13.91 10.82
N TYR A 120 5.74 14.59 11.28
CA TYR A 120 5.58 14.84 12.70
C TYR A 120 5.42 13.53 13.48
N LEU A 121 4.56 12.65 13.01
CA LEU A 121 4.31 11.39 13.73
C LEU A 121 5.52 10.45 13.70
N ASN A 122 6.27 10.52 12.60
CA ASN A 122 7.43 9.67 12.37
C ASN A 122 8.58 9.88 13.35
N GLN A 123 8.61 11.06 13.95
CA GLN A 123 9.71 11.48 14.82
C GLN A 123 9.92 10.51 15.97
N GLN A 124 8.81 9.96 16.47
CA GLN A 124 8.81 9.02 17.61
C GLN A 124 8.77 7.55 17.18
N ILE A 125 8.80 7.29 15.89
CA ILE A 125 8.62 5.92 15.37
C ILE A 125 9.96 5.23 15.04
N GLU A 126 10.16 4.03 15.61
CA GLU A 126 11.34 3.20 15.30
C GLU A 126 11.02 2.12 14.24
N VAL A 127 11.81 2.08 13.18
CA VAL A 127 11.69 1.07 12.12
C VAL A 127 13.01 0.32 11.91
N LEU A 128 12.96 -0.78 11.17
CA LEU A 128 14.12 -1.68 11.02
C LEU A 128 14.19 -2.08 9.57
N VAL A 129 15.36 -1.88 8.96
CA VAL A 129 15.65 -2.32 7.61
C VAL A 129 16.53 -3.57 7.70
N VAL A 130 16.17 -4.64 6.99
CA VAL A 130 16.92 -5.90 7.02
C VAL A 130 17.30 -6.28 5.59
N ASP A 131 18.60 -6.28 5.29
CA ASP A 131 19.03 -6.41 3.89
C ASP A 131 20.50 -6.76 3.90
N ASP A 132 20.86 -7.82 3.19
CA ASP A 132 22.26 -8.28 3.12
C ASP A 132 23.10 -7.53 2.08
N SER A 133 22.44 -6.73 1.24
CA SER A 133 23.14 -5.84 0.31
C SER A 133 23.37 -4.47 0.94
N ARG A 134 24.63 -4.14 1.22
CA ARG A 134 24.96 -2.85 1.87
C ARG A 134 24.44 -1.69 1.06
N THR A 135 24.56 -1.82 -0.26
CA THR A 135 24.17 -0.75 -1.16
C THR A 135 22.67 -0.49 -1.04
N SER A 136 21.88 -1.57 -1.11
CA SER A 136 20.41 -1.52 -0.94
C SER A 136 20.03 -1.05 0.45
N ARG A 137 20.71 -1.59 1.46
CA ARG A 137 20.42 -1.29 2.87
C ARG A 137 20.60 0.19 3.17
N HIS A 138 21.74 0.74 2.74
CA HIS A 138 22.06 2.14 3.00
C HIS A 138 21.14 3.10 2.25
N ARG A 139 20.75 2.74 1.03
CA ARG A 139 19.84 3.58 0.24
CA ARG A 139 19.85 3.58 0.24
C ARG A 139 18.47 3.69 0.89
N THR A 140 17.96 2.56 1.35
CA THR A 140 16.67 2.47 1.99
C THR A 140 16.71 3.19 3.35
N ALA A 142 18.71 5.65 4.27
CA ALA A 142 18.85 7.09 4.04
C ALA A 142 17.48 7.68 3.73
N GLN A 143 16.73 6.96 2.89
CA GLN A 143 15.45 7.42 2.44
C GLN A 143 14.44 7.43 3.58
N LEU A 144 14.51 6.45 4.49
CA LEU A 144 13.61 6.41 5.64
C LEU A 144 13.99 7.49 6.66
N ARG A 145 15.29 7.77 6.76
CA ARG A 145 15.78 8.86 7.61
C ARG A 145 15.31 10.25 7.14
N LYS A 146 15.13 10.40 5.83
CA LYS A 146 14.49 11.60 5.25
C LYS A 146 12.95 11.65 5.44
N GLN A 147 12.39 10.62 6.03
CA GLN A 147 11.00 10.64 6.51
C GLN A 147 10.95 10.93 8.03
N LEU A 148 12.08 11.29 8.59
CA LEU A 148 12.27 11.57 10.05
C LEU A 148 12.02 10.39 11.01
N LEU A 149 12.00 9.19 10.44
CA LEU A 149 11.97 7.96 11.23
C LEU A 149 13.30 7.67 11.88
N GLN A 150 13.23 7.00 13.03
CA GLN A 150 14.40 6.44 13.67
C GLN A 150 14.63 5.06 13.09
N VAL A 151 15.80 4.88 12.45
CA VAL A 151 16.01 3.73 11.58
C VAL A 151 17.11 2.84 12.11
N HIS A 152 16.74 1.61 12.43
CA HIS A 152 17.68 0.54 12.76
C HIS A 152 18.05 -0.20 11.51
N GLU A 153 19.23 -0.82 11.53
CA GLU A 153 19.84 -1.49 10.40
C GLU A 153 20.24 -2.92 10.79
N ALA A 154 19.97 -3.88 9.91
CA ALA A 154 20.52 -5.22 10.09
C ALA A 154 20.88 -5.85 8.75
N SER A 155 22.02 -6.53 8.72
N SER A 155 22.04 -6.50 8.69
CA SER A 155 22.51 -7.14 7.49
CA SER A 155 22.54 -7.05 7.44
C SER A 155 22.22 -8.63 7.38
C SER A 155 22.06 -8.47 7.19
N HIS A 156 21.39 -9.14 8.24
N HIS A 156 21.42 -9.04 8.20
CA HIS A 156 21.12 -10.54 8.26
CA HIS A 156 20.88 -10.37 8.12
C HIS A 156 19.91 -10.74 9.22
C HIS A 156 19.86 -10.69 9.21
N ALA A 157 19.11 -11.76 9.04
CA ALA A 157 17.97 -12.05 9.94
C ALA A 157 18.37 -12.27 11.41
N ARG A 158 19.52 -12.89 11.63
CA ARG A 158 20.08 -13.08 12.98
C ARG A 158 20.24 -11.74 13.70
N GLU A 159 20.84 -10.77 13.00
CA GLU A 159 21.03 -9.43 13.53
C GLU A 159 19.67 -8.74 13.76
N ALA A 160 18.73 -8.96 12.85
CA ALA A 160 17.41 -8.35 12.93
C ALA A 160 16.66 -8.86 14.15
N LEU A 161 16.75 -10.16 14.38
CA LEU A 161 16.05 -10.74 15.51
C LEU A 161 16.65 -10.20 16.81
N ALA A 162 17.97 -10.08 16.85
CA ALA A 162 18.67 -9.57 18.04
C ALA A 162 18.31 -8.09 18.31
N THR A 163 18.27 -7.29 17.25
CA THR A 163 17.91 -5.87 17.36
C THR A 163 16.46 -5.66 17.88
N LEU A 164 15.54 -6.45 17.36
CA LEU A 164 14.14 -6.43 17.81
C LEU A 164 13.99 -6.74 19.29
N GLU A 165 14.76 -7.73 19.77
CA GLU A 165 14.77 -8.09 21.20
C GLU A 165 15.27 -6.94 22.07
N GLN A 166 16.24 -6.20 21.53
CA GLN A 166 16.88 -5.10 22.24
C GLN A 166 16.06 -3.81 22.17
N HIS A 167 15.28 -3.68 21.11
CA HIS A 167 14.50 -2.46 20.88
C HIS A 167 13.04 -2.83 20.58
N PRO A 168 12.25 -3.16 21.63
CA PRO A 168 10.87 -3.59 21.35
C PRO A 168 9.94 -2.46 20.91
N ALA A 169 10.41 -1.21 20.96
CA ALA A 169 9.68 -0.10 20.32
C ALA A 169 9.59 -0.18 18.78
N ILE A 170 10.48 -0.93 18.13
CA ILE A 170 10.39 -1.05 16.66
C ILE A 170 9.00 -1.57 16.30
N ARG A 171 8.31 -0.85 15.40
CA ARG A 171 6.95 -1.22 15.01
C ARG A 171 6.80 -1.64 13.55
N LEU A 172 7.84 -1.38 12.75
CA LEU A 172 7.81 -1.81 11.34
C LEU A 172 9.16 -2.30 10.88
N VAL A 173 9.11 -3.40 10.11
CA VAL A 173 10.32 -4.03 9.59
C VAL A 173 10.18 -4.17 8.09
N LEU A 174 11.21 -3.73 7.37
CA LEU A 174 11.28 -3.93 5.92
C LEU A 174 12.24 -5.11 5.71
N VAL A 175 11.80 -6.12 5.00
CA VAL A 175 12.49 -7.37 4.91
C VAL A 175 12.91 -7.71 3.47
N ASP A 176 14.23 -7.85 3.28
CA ASP A 176 14.79 -8.29 1.98
C ASP A 176 14.56 -9.79 1.73
N TYR A 177 14.31 -10.19 0.48
CA TYR A 177 13.88 -11.55 0.19
C TYR A 177 14.97 -12.62 0.28
N TYR A 178 16.15 -12.32 -0.25
CA TYR A 178 17.23 -13.29 -0.28
C TYR A 178 18.40 -12.82 0.59
N PRO A 180 21.70 -14.61 3.44
CA PRO A 180 22.39 -15.85 3.88
C PRO A 180 21.66 -16.45 5.08
N GLU A 181 21.60 -17.79 5.10
CA GLU A 181 21.11 -18.61 6.21
C GLU A 181 19.60 -18.59 6.41
N ILE A 182 19.02 -17.41 6.50
CA ILE A 182 17.59 -17.24 6.77
C ILE A 182 17.11 -16.18 5.79
N ASP A 183 16.35 -16.59 4.79
CA ASP A 183 15.86 -15.69 3.76
C ASP A 183 14.66 -14.87 4.28
N GLY A 184 14.13 -14.01 3.42
CA GLY A 184 13.06 -13.11 3.83
C GLY A 184 11.79 -13.77 4.34
N ILE A 185 11.25 -14.70 3.55
CA ILE A 185 10.02 -15.37 3.94
C ILE A 185 10.18 -16.12 5.25
N SER A 186 11.36 -16.71 5.45
CA SER A 186 11.67 -17.46 6.67
C SER A 186 11.69 -16.53 7.88
N LEU A 187 12.26 -15.34 7.72
CA LEU A 187 12.22 -14.36 8.81
C LEU A 187 10.79 -13.87 9.07
N VAL A 188 10.00 -13.70 8.02
CA VAL A 188 8.62 -13.29 8.19
C VAL A 188 7.86 -14.38 8.99
N ARG A 189 8.09 -15.65 8.67
N ARG A 189 8.12 -15.64 8.68
CA ARG A 189 7.44 -16.74 9.42
CA ARG A 189 7.50 -16.77 9.38
C ARG A 189 7.83 -16.69 10.89
C ARG A 189 7.85 -16.75 10.86
N LEU A 191 8.93 -14.10 12.73
CA LEU A 191 8.29 -12.96 13.39
C LEU A 191 6.78 -13.17 13.62
N ARG A 192 6.07 -13.77 12.66
CA ARG A 192 4.63 -13.94 12.75
C ARG A 192 4.24 -15.07 13.70
N GLU A 193 5.16 -16.01 13.96
CA GLU A 193 4.94 -17.00 15.01
C GLU A 193 4.84 -16.35 16.40
N ARG A 194 5.33 -15.12 16.51
CA ARG A 194 5.29 -14.34 17.75
C ARG A 194 4.36 -13.12 17.72
N TYR A 195 4.39 -12.38 16.62
CA TYR A 195 3.72 -11.07 16.51
C TYR A 195 2.67 -11.00 15.41
N SER A 196 1.47 -10.50 15.76
CA SER A 196 0.40 -10.23 14.81
C SER A 196 0.77 -9.00 13.94
N LYS A 197 0.05 -8.81 12.85
CA LYS A 197 0.19 -7.69 11.93
C LYS A 197 -0.02 -6.36 12.63
N GLN A 198 -0.70 -6.31 13.77
CA GLN A 198 -0.96 -5.09 14.54
C GLN A 198 0.15 -4.78 15.56
N GLN A 199 0.92 -5.80 15.94
CA GLN A 199 2.01 -5.60 16.88
C GLN A 199 3.27 -5.18 16.13
N LEU A 200 3.47 -5.74 14.94
CA LEU A 200 4.70 -5.56 14.17
C LEU A 200 4.32 -5.66 12.71
N ALA A 201 4.30 -4.50 12.08
CA ALA A 201 4.07 -4.42 10.65
C ALA A 201 5.32 -4.90 9.91
N ILE A 202 5.10 -5.58 8.79
CA ILE A 202 6.19 -6.10 8.01
C ILE A 202 5.90 -5.80 6.56
N ILE A 203 6.84 -5.12 5.92
CA ILE A 203 6.82 -4.91 4.47
C ILE A 203 7.87 -5.86 3.85
N GLY A 204 7.42 -6.74 2.97
CA GLY A 204 8.32 -7.65 2.27
C GLY A 204 8.89 -7.01 1.02
N ILE A 205 10.22 -6.97 0.92
CA ILE A 205 10.87 -6.40 -0.25
C ILE A 205 10.97 -7.50 -1.27
N SER A 206 10.41 -7.25 -2.45
N SER A 206 10.43 -7.22 -2.46
CA SER A 206 10.29 -8.27 -3.47
CA SER A 206 10.24 -8.25 -3.48
C SER A 206 10.77 -7.79 -4.84
C SER A 206 10.75 -7.79 -4.84
N VAL A 207 10.56 -8.65 -5.84
CA VAL A 207 10.75 -8.29 -7.23
C VAL A 207 9.55 -8.92 -7.93
N SER A 208 8.99 -8.21 -8.90
CA SER A 208 7.83 -8.72 -9.62
C SER A 208 8.28 -9.56 -10.81
N ASP A 209 9.59 -9.73 -10.95
CA ASP A 209 10.18 -10.63 -11.94
C ASP A 209 10.43 -12.04 -11.38
N LYS A 210 9.79 -12.34 -10.24
CA LYS A 210 9.82 -13.70 -9.71
C LYS A 210 8.45 -14.40 -9.70
N ARG A 211 8.48 -15.72 -9.50
CA ARG A 211 7.27 -16.53 -9.42
C ARG A 211 6.58 -16.29 -8.07
N GLY A 212 5.92 -15.15 -7.95
CA GLY A 212 5.09 -14.85 -6.80
C GLY A 212 5.77 -14.64 -5.46
N LEU A 213 6.88 -13.92 -5.43
CA LEU A 213 7.51 -13.62 -4.13
C LEU A 213 6.60 -12.76 -3.24
N SER A 214 6.02 -11.71 -3.81
CA SER A 214 5.06 -10.88 -3.06
C SER A 214 3.93 -11.71 -2.48
N ALA A 215 3.36 -12.59 -3.29
CA ALA A 215 2.28 -13.47 -2.81
C ALA A 215 2.67 -14.29 -1.59
N ARG A 216 3.89 -14.85 -1.61
CA ARG A 216 4.36 -15.75 -0.55
C ARG A 216 4.54 -14.96 0.75
N TYR A 217 5.04 -13.74 0.61
CA TYR A 217 5.11 -12.80 1.73
C TYR A 217 3.74 -12.60 2.42
N LEU A 218 2.71 -12.31 1.61
CA LEU A 218 1.37 -11.97 2.13
C LEU A 218 0.70 -13.16 2.78
N LYS A 219 0.82 -14.32 2.11
CA LYS A 219 0.23 -15.55 2.63
C LYS A 219 0.89 -15.99 3.92
N GLN A 220 2.10 -15.48 4.17
CA GLN A 220 2.74 -15.69 5.47
C GLN A 220 2.56 -14.56 6.46
N GLY A 221 1.76 -13.55 6.09
CA GLY A 221 1.32 -12.53 7.03
C GLY A 221 2.06 -11.20 7.01
N ALA A 222 2.89 -10.98 5.99
CA ALA A 222 3.43 -9.65 5.74
C ALA A 222 2.25 -8.72 5.51
N ASN A 223 2.30 -7.55 6.12
CA ASN A 223 1.30 -6.50 5.88
C ASN A 223 1.22 -6.04 4.45
N ASP A 224 2.37 -5.99 3.80
CA ASP A 224 2.46 -5.36 2.48
C ASP A 224 3.72 -5.81 1.74
N PHE A 225 3.82 -5.42 0.47
CA PHE A 225 4.97 -5.70 -0.36
C PHE A 225 5.50 -4.40 -0.98
N LEU A 226 6.77 -4.43 -1.37
CA LEU A 226 7.38 -3.35 -2.15
C LEU A 226 8.43 -3.96 -3.09
N ASN A 227 8.27 -3.72 -4.39
CA ASN A 227 9.17 -4.28 -5.40
C ASN A 227 10.41 -3.43 -5.67
N GLN A 228 11.55 -4.08 -5.73
CA GLN A 228 12.79 -3.43 -6.14
C GLN A 228 12.96 -3.50 -7.64
N PRO A 229 13.56 -2.47 -8.25
CA PRO A 229 13.98 -1.23 -7.60
C PRO A 229 12.79 -0.30 -7.34
N PHE A 230 12.90 0.52 -6.31
CA PHE A 230 11.84 1.46 -5.98
C PHE A 230 12.36 2.88 -5.79
N GLU A 231 11.53 3.84 -6.18
CA GLU A 231 11.82 5.26 -6.01
C GLU A 231 11.55 5.70 -4.57
N PRO A 232 12.22 6.78 -4.11
CA PRO A 232 11.93 7.29 -2.77
C PRO A 232 10.43 7.58 -2.55
N GLU A 233 9.74 8.06 -3.59
CA GLU A 233 8.32 8.42 -3.48
C GLU A 233 7.45 7.17 -3.27
N GLU A 234 7.87 6.04 -3.86
CA GLU A 234 7.21 4.74 -3.66
C GLU A 234 7.41 4.23 -2.23
N LEU A 235 8.65 4.30 -1.77
CA LEU A 235 8.96 3.91 -0.39
C LEU A 235 8.09 4.69 0.59
N GLN A 236 8.08 6.02 0.48
CA GLN A 236 7.36 6.92 1.41
C GLN A 236 5.86 6.63 1.42
N CYS A 237 5.30 6.39 0.24
CA CYS A 237 3.92 6.06 0.10
C CYS A 237 3.59 4.78 0.84
N ARG A 238 4.37 3.72 0.59
CA ARG A 238 4.13 2.39 1.12
C ARG A 238 4.37 2.37 2.63
N VAL A 239 5.45 3.02 3.09
CA VAL A 239 5.74 3.06 4.54
C VAL A 239 4.66 3.83 5.28
N SER A 240 4.35 5.03 4.77
CA SER A 240 3.33 5.88 5.38
C SER A 240 2.02 5.16 5.54
N HIS A 241 1.56 4.45 4.49
CA HIS A 241 0.32 3.76 4.58
C HIS A 241 0.32 2.75 5.74
N ASN A 242 1.40 1.97 5.83
CA ASN A 242 1.46 0.92 6.81
C ASN A 242 1.59 1.43 8.21
N LEU A 243 2.29 2.56 8.33
CA LEU A 243 2.38 3.25 9.62
C LEU A 243 1.01 3.80 10.05
N GLU A 244 0.27 4.36 9.09
CA GLU A 244 -1.06 4.89 9.38
C GLU A 244 -2.05 3.77 9.74
N ALA A 245 -1.91 2.62 9.08
CA ALA A 245 -2.68 1.42 9.45
C ALA A 245 -2.46 1.03 10.93
N LEU A 246 -1.21 1.10 11.38
CA LEU A 246 -0.86 0.84 12.79
C LEU A 246 -1.48 1.81 13.78
N GLU A 247 -1.57 3.08 13.40
CA GLU A 247 -2.14 4.12 14.25
C GLU A 247 -3.67 4.08 14.25
N GLN A 248 -4.23 3.73 13.09
CA GLN A 248 -5.68 3.58 12.97
C GLN A 248 -6.07 2.13 13.24
N LYS B 4 -25.18 -11.55 0.95
CA LYS B 4 -24.55 -12.84 1.37
C LYS B 4 -23.64 -12.59 2.56
N GLN B 5 -23.88 -13.30 3.66
CA GLN B 5 -23.12 -13.03 4.89
C GLN B 5 -22.73 -14.33 5.58
N LYS B 6 -22.77 -15.42 4.83
CA LYS B 6 -22.36 -16.71 5.37
C LYS B 6 -21.14 -17.25 4.64
N ILE B 7 -20.35 -18.06 5.36
CA ILE B 7 -19.17 -18.71 4.81
C ILE B 7 -19.26 -20.21 5.03
N LEU B 8 -18.88 -20.97 4.01
CA LEU B 8 -18.79 -22.42 4.12
C LEU B 8 -17.36 -22.89 4.32
N ILE B 9 -17.17 -23.83 5.26
CA ILE B 9 -15.85 -24.43 5.49
C ILE B 9 -15.96 -25.93 5.37
N VAL B 10 -15.10 -26.51 4.53
CA VAL B 10 -15.07 -27.97 4.35
C VAL B 10 -13.63 -28.44 4.60
N GLU B 11 -13.40 -28.97 5.77
CA GLU B 11 -12.04 -29.26 6.22
C GLU B 11 -12.11 -30.37 7.27
N ASP B 12 -11.39 -31.47 7.06
CA ASP B 12 -11.48 -32.58 8.01
C ASP B 12 -10.52 -32.47 9.18
N SER B 13 -9.54 -31.57 9.14
CA SER B 13 -8.64 -31.42 10.29
C SER B 13 -9.47 -30.79 11.38
N THR B 15 -8.32 -29.68 14.22
CA THR B 15 -7.51 -28.54 14.65
C THR B 15 -7.71 -27.33 13.74
N ILE B 16 -7.54 -27.53 12.45
CA ILE B 16 -7.59 -26.42 11.50
C ILE B 16 -9.01 -25.86 11.36
N ARG B 17 -10.01 -26.75 11.26
CA ARG B 17 -11.38 -26.29 11.09
C ARG B 17 -11.77 -25.48 12.32
N ARG B 18 -11.39 -25.95 13.50
CA ARG B 18 -11.75 -25.23 14.72
C ARG B 18 -11.04 -23.89 14.84
N LEU B 20 -10.11 -22.06 12.31
CA LEU B 20 -10.74 -21.18 11.36
C LEU B 20 -12.07 -20.66 11.89
N ILE B 21 -12.86 -21.55 12.51
CA ILE B 21 -14.15 -21.17 13.05
C ILE B 21 -13.93 -20.10 14.12
N GLN B 22 -13.03 -20.36 15.06
CA GLN B 22 -12.75 -19.42 16.16
C GLN B 22 -12.34 -18.01 15.64
N ALA B 23 -11.36 -17.99 14.74
CA ALA B 23 -10.84 -16.72 14.21
C ALA B 23 -11.85 -15.94 13.36
N ILE B 24 -12.59 -16.65 12.50
CA ILE B 24 -13.57 -16.01 11.64
C ILE B 24 -14.76 -15.51 12.50
N ALA B 25 -15.14 -16.28 13.50
CA ALA B 25 -16.24 -15.87 14.37
C ALA B 25 -15.84 -14.63 15.17
N GLN B 26 -14.57 -14.57 15.54
CA GLN B 26 -14.08 -13.48 16.40
C GLN B 26 -13.81 -12.18 15.64
N GLN B 27 -13.34 -12.30 14.40
CA GLN B 27 -12.76 -11.16 13.69
C GLN B 27 -13.58 -10.68 12.50
N THR B 28 -14.63 -11.42 12.15
CA THR B 28 -15.56 -11.00 11.08
C THR B 28 -17.00 -11.06 11.59
N GLY B 29 -17.93 -10.47 10.84
CA GLY B 29 -19.34 -10.59 11.20
C GLY B 29 -20.05 -11.73 10.49
N LEU B 30 -19.28 -12.68 9.96
CA LEU B 30 -19.84 -13.73 9.09
C LEU B 30 -20.41 -14.91 9.87
N GLU B 31 -21.52 -15.45 9.35
CA GLU B 31 -22.08 -16.73 9.78
C GLU B 31 -21.22 -17.86 9.21
N ILE B 32 -21.05 -18.94 9.95
CA ILE B 32 -20.18 -20.04 9.53
C ILE B 32 -20.90 -21.37 9.58
N ASP B 33 -20.94 -22.05 8.44
CA ASP B 33 -21.29 -23.47 8.39
C ASP B 33 -20.03 -24.28 8.08
N ALA B 34 -19.66 -25.20 8.97
CA ALA B 34 -18.42 -25.99 8.80
C ALA B 34 -18.70 -27.48 8.82
N PHE B 35 -17.95 -28.23 8.00
CA PHE B 35 -18.16 -29.66 7.84
C PHE B 35 -16.84 -30.38 7.63
N ASP B 36 -16.77 -31.62 8.10
CA ASP B 36 -15.55 -32.42 7.94
C ASP B 36 -15.52 -33.30 6.67
N THR B 37 -16.60 -33.23 5.87
CA THR B 37 -16.67 -33.93 4.58
C THR B 37 -17.44 -33.10 3.58
N LEU B 38 -17.19 -33.37 2.31
CA LEU B 38 -17.96 -32.76 1.23
C LEU B 38 -19.46 -33.12 1.33
N GLU B 39 -19.75 -34.39 1.63
CA GLU B 39 -21.14 -34.84 1.77
C GLU B 39 -21.92 -33.98 2.77
N GLY B 40 -21.23 -33.58 3.83
CA GLY B 40 -21.83 -32.74 4.86
C GLY B 40 -22.32 -31.41 4.31
N ALA B 41 -21.65 -30.96 3.25
CA ALA B 41 -21.95 -29.68 2.61
C ALA B 41 -22.85 -29.81 1.38
N ARG B 42 -23.47 -30.98 1.21
CA ARG B 42 -24.27 -31.33 0.03
C ARG B 42 -25.29 -30.30 -0.39
N HIS B 43 -26.10 -29.86 0.56
CA HIS B 43 -27.27 -29.07 0.27
C HIS B 43 -27.04 -27.57 0.38
N CYS B 44 -25.81 -27.18 0.72
CA CYS B 44 -25.44 -25.77 0.75
C CYS B 44 -25.65 -25.17 -0.63
N GLN B 45 -26.39 -24.06 -0.67
CA GLN B 45 -26.71 -23.39 -1.94
C GLN B 45 -25.81 -22.17 -2.19
N GLY B 46 -25.31 -22.08 -3.42
CA GLY B 46 -24.36 -21.03 -3.82
C GLY B 46 -24.77 -19.60 -3.53
N ASP B 47 -26.07 -19.33 -3.53
CA ASP B 47 -26.57 -17.97 -3.33
C ASP B 47 -26.59 -17.49 -1.88
N GLU B 48 -26.21 -18.35 -0.94
CA GLU B 48 -26.21 -17.96 0.48
C GLU B 48 -24.79 -17.64 0.99
N TYR B 49 -23.78 -18.13 0.27
CA TYR B 49 -22.41 -18.08 0.74
C TYR B 49 -21.58 -17.09 -0.01
N VAL B 50 -20.84 -16.29 0.74
CA VAL B 50 -19.84 -15.38 0.16
C VAL B 50 -18.74 -16.17 -0.57
N VAL B 51 -18.27 -17.21 0.10
CA VAL B 51 -17.11 -17.98 -0.32
C VAL B 51 -17.09 -19.27 0.50
N ALA B 52 -16.45 -20.28 -0.08
CA ALA B 52 -16.23 -21.54 0.58
C ALA B 52 -14.73 -21.76 0.71
N LEU B 53 -14.26 -22.05 1.94
CA LEU B 53 -12.88 -22.43 2.22
C LEU B 53 -12.84 -23.94 2.10
N VAL B 54 -12.05 -24.45 1.15
CA VAL B 54 -12.13 -25.84 0.68
C VAL B 54 -10.81 -26.60 0.73
N ASP B 55 -10.77 -27.61 1.62
CA ASP B 55 -9.66 -28.56 1.74
C ASP B 55 -9.53 -29.47 0.52
N LEU B 56 -8.29 -29.78 0.14
CA LEU B 56 -8.07 -30.69 -1.02
C LEU B 56 -7.99 -32.14 -0.60
N THR B 57 -7.75 -32.36 0.69
CA THR B 57 -7.65 -33.68 1.27
C THR B 57 -8.90 -34.03 2.10
N LEU B 58 -10.02 -34.32 1.46
CA LEU B 58 -11.19 -34.68 2.27
C LEU B 58 -11.45 -36.18 2.26
N PRO B 59 -12.09 -36.72 3.32
CA PRO B 59 -12.37 -38.16 3.40
C PRO B 59 -13.08 -38.69 2.15
N ASP B 60 -13.96 -37.88 1.57
CA ASP B 60 -14.74 -38.29 0.40
C ASP B 60 -14.35 -37.53 -0.87
N ALA B 61 -13.28 -36.74 -0.77
CA ALA B 61 -12.71 -36.02 -1.90
C ALA B 61 -11.23 -35.81 -1.58
N PRO B 62 -10.43 -36.91 -1.66
CA PRO B 62 -9.08 -36.91 -1.11
C PRO B 62 -8.05 -36.21 -2.00
N SER B 63 -8.43 -35.99 -3.26
CA SER B 63 -7.57 -35.36 -4.25
C SER B 63 -8.23 -34.11 -4.85
N GLY B 64 -8.85 -33.32 -4.01
CA GLY B 64 -9.33 -31.99 -4.40
C GLY B 64 -10.61 -31.92 -5.20
N GLU B 65 -11.37 -33.01 -5.22
CA GLU B 65 -12.63 -33.13 -6.00
C GLU B 65 -13.72 -32.13 -5.55
N ALA B 66 -13.62 -31.67 -4.31
CA ALA B 66 -14.62 -30.83 -3.72
C ALA B 66 -14.64 -29.46 -4.39
N VAL B 67 -13.50 -29.05 -4.92
CA VAL B 67 -13.38 -27.73 -5.56
C VAL B 67 -14.35 -27.59 -6.75
N LYS B 68 -14.27 -28.52 -7.69
CA LYS B 68 -15.15 -28.47 -8.86
C LYS B 68 -16.62 -28.61 -8.41
N VAL B 69 -16.88 -29.54 -7.50
CA VAL B 69 -18.26 -29.79 -7.05
C VAL B 69 -18.93 -28.51 -6.53
N LEU B 70 -18.23 -27.76 -5.67
CA LEU B 70 -18.78 -26.54 -5.09
C LEU B 70 -18.80 -25.36 -6.06
N LEU B 71 -17.81 -25.30 -6.94
CA LEU B 71 -17.82 -24.33 -8.02
C LEU B 71 -19.09 -24.50 -8.87
N GLU B 72 -19.43 -25.74 -9.18
CA GLU B 72 -20.59 -26.00 -10.03
C GLU B 72 -21.92 -25.81 -9.30
N ARG B 73 -21.87 -25.70 -7.96
CA ARG B 73 -23.01 -25.27 -7.16
C ARG B 73 -23.09 -23.74 -7.01
N GLY B 74 -22.22 -23.03 -7.72
CA GLY B 74 -22.21 -21.57 -7.71
C GLY B 74 -21.56 -20.92 -6.50
N LEU B 75 -20.76 -21.67 -5.76
CA LEU B 75 -19.95 -21.07 -4.68
C LEU B 75 -18.58 -20.66 -5.19
N PRO B 76 -18.19 -19.41 -4.95
CA PRO B 76 -16.79 -19.05 -5.15
C PRO B 76 -15.95 -19.85 -4.13
N VAL B 77 -14.74 -20.26 -4.51
CA VAL B 77 -13.92 -21.19 -3.69
C VAL B 77 -12.53 -20.64 -3.37
N VAL B 78 -12.19 -20.68 -2.09
CA VAL B 78 -10.83 -20.44 -1.70
C VAL B 78 -10.22 -21.76 -1.21
N ILE B 79 -9.09 -22.12 -1.79
CA ILE B 79 -8.47 -23.43 -1.50
C ILE B 79 -7.62 -23.37 -0.23
N LEU B 80 -7.80 -24.36 0.63
CA LEU B 80 -6.95 -24.55 1.81
C LEU B 80 -5.91 -25.60 1.44
N THR B 81 -4.64 -25.20 1.55
CA THR B 81 -3.53 -26.05 1.13
C THR B 81 -2.38 -26.05 2.12
N ALA B 82 -1.82 -27.23 2.36
CA ALA B 82 -0.73 -27.38 3.32
C ALA B 82 0.58 -26.94 2.69
N ASP B 83 0.73 -27.26 1.39
CA ASP B 83 1.92 -26.89 0.62
C ASP B 83 1.58 -26.35 -0.77
N ILE B 84 2.39 -25.40 -1.23
CA ILE B 84 2.19 -24.76 -2.53
C ILE B 84 3.41 -24.94 -3.44
N SER B 85 3.12 -25.02 -4.74
CA SER B 85 4.14 -24.92 -5.78
C SER B 85 3.64 -23.93 -6.85
N GLU B 86 4.47 -23.67 -7.86
CA GLU B 86 4.02 -22.87 -9.00
C GLU B 86 3.14 -23.71 -9.91
N ASP B 87 3.36 -25.03 -9.88
CA ASP B 87 2.57 -25.99 -10.64
C ASP B 87 1.20 -26.26 -10.03
N LYS B 88 1.08 -26.00 -8.72
CA LYS B 88 -0.19 -26.20 -8.03
C LYS B 88 -1.13 -25.01 -8.20
N ARG B 89 -0.62 -23.79 -8.03
CA ARG B 89 -1.40 -22.57 -8.34
C ARG B 89 -1.76 -22.51 -9.83
N GLU B 90 -1.12 -23.38 -10.62
CA GLU B 90 -1.35 -23.49 -12.06
C GLU B 90 -2.74 -23.99 -12.37
N ALA B 91 -3.04 -25.21 -11.92
CA ALA B 91 -4.31 -25.88 -12.23
C ALA B 91 -5.52 -25.25 -11.53
N TRP B 92 -5.27 -24.56 -10.43
CA TRP B 92 -6.35 -23.96 -9.63
C TRP B 92 -6.97 -22.72 -10.26
N LEU B 93 -6.16 -21.68 -10.49
CA LEU B 93 -6.65 -20.40 -11.00
C LEU B 93 -7.28 -20.48 -12.39
N GLU B 94 -6.92 -21.53 -13.12
CA GLU B 94 -7.42 -21.77 -14.46
C GLU B 94 -8.71 -22.58 -14.42
N ALA B 95 -9.19 -22.84 -13.20
CA ALA B 95 -10.42 -23.60 -12.98
C ALA B 95 -11.53 -22.71 -12.42
N GLY B 96 -11.13 -21.67 -11.69
CA GLY B 96 -12.06 -20.68 -11.16
C GLY B 96 -11.85 -20.33 -9.70
N VAL B 97 -10.73 -20.76 -9.13
CA VAL B 97 -10.46 -20.51 -7.70
C VAL B 97 -10.29 -19.00 -7.44
N LEU B 98 -10.87 -18.48 -6.37
CA LEU B 98 -10.66 -17.12 -5.91
C LEU B 98 -9.23 -16.82 -5.44
N ASP B 99 -8.73 -17.73 -4.64
CA ASP B 99 -7.46 -17.53 -3.99
C ASP B 99 -7.12 -18.82 -3.28
N TYR B 100 -5.91 -18.86 -2.73
CA TYR B 100 -5.53 -19.96 -1.87
C TYR B 100 -4.94 -19.46 -0.56
N VAL B 101 -5.09 -20.29 0.46
CA VAL B 101 -4.70 -19.96 1.81
C VAL B 101 -3.82 -21.10 2.25
N LYS B 103 -2.27 -23.43 5.04
CA LYS B 103 -2.70 -23.87 6.38
C LYS B 103 -1.59 -24.62 7.15
N ASP B 104 -0.33 -24.26 6.90
CA ASP B 104 0.80 -24.90 7.60
C ASP B 104 1.09 -24.32 8.98
N SER B 105 0.41 -23.24 9.36
CA SER B 105 0.60 -22.60 10.66
C SER B 105 -0.61 -21.75 10.99
N ARG B 106 -0.73 -21.38 12.26
CA ARG B 106 -1.79 -20.51 12.71
C ARG B 106 -1.70 -19.16 11.98
N HIS B 107 -0.50 -18.62 11.87
CA HIS B 107 -0.34 -17.30 11.29
C HIS B 107 -0.66 -17.26 9.80
N SER B 108 -0.36 -18.35 9.09
CA SER B 108 -0.67 -18.44 7.67
C SER B 108 -2.18 -18.64 7.44
N LEU B 109 -2.83 -19.41 8.30
CA LEU B 109 -4.29 -19.49 8.32
C LEU B 109 -5.00 -18.13 8.43
N GLN B 110 -4.43 -17.24 9.24
CA GLN B 110 -4.93 -15.90 9.51
C GLN B 110 -5.16 -15.08 8.23
N TYR B 111 -4.45 -15.42 7.16
CA TYR B 111 -4.66 -14.76 5.86
C TYR B 111 -6.12 -14.93 5.38
N ALA B 112 -6.67 -16.13 5.59
CA ALA B 112 -8.04 -16.43 5.22
C ALA B 112 -9.04 -15.54 5.97
N VAL B 113 -8.73 -15.24 7.22
CA VAL B 113 -9.60 -14.42 8.04
C VAL B 113 -9.76 -13.03 7.44
N GLY B 114 -8.62 -12.37 7.17
CA GLY B 114 -8.61 -11.05 6.57
C GLY B 114 -9.30 -11.07 5.22
N LEU B 115 -8.99 -12.11 4.44
CA LEU B 115 -9.55 -12.32 3.10
C LEU B 115 -11.08 -12.37 3.10
N VAL B 116 -11.65 -13.24 3.92
CA VAL B 116 -13.10 -13.39 3.92
C VAL B 116 -13.81 -12.13 4.39
N HIS B 117 -13.26 -11.45 5.39
CA HIS B 117 -13.75 -10.18 5.83
C HIS B 117 -13.79 -9.19 4.65
N ARG B 118 -12.73 -9.13 3.89
CA ARG B 118 -12.64 -8.24 2.76
C ARG B 118 -13.56 -8.64 1.61
N LEU B 119 -13.65 -9.93 1.41
CA LEU B 119 -14.54 -10.42 0.32
C LEU B 119 -15.98 -10.02 0.62
N TYR B 120 -16.38 -10.15 1.89
CA TYR B 120 -17.72 -9.75 2.31
C TYR B 120 -18.00 -8.27 2.04
N LEU B 121 -17.05 -7.43 2.45
CA LEU B 121 -17.17 -5.99 2.30
C LEU B 121 -17.15 -5.55 0.84
N ASN B 122 -16.39 -6.26 0.00
CA ASN B 122 -16.23 -5.85 -1.39
C ASN B 122 -17.50 -6.00 -2.21
N GLN B 123 -18.45 -6.81 -1.72
CA GLN B 123 -19.69 -7.07 -2.45
C GLN B 123 -20.48 -5.77 -2.72
N GLN B 124 -20.37 -4.85 -1.81
CA GLN B 124 -21.11 -3.59 -1.87
C GLN B 124 -20.29 -2.43 -2.43
N ILE B 125 -19.11 -2.74 -2.88
CA ILE B 125 -18.20 -1.68 -3.32
C ILE B 125 -18.03 -1.70 -4.83
N GLU B 126 -18.11 -0.52 -5.47
CA GLU B 126 -17.92 -0.38 -6.92
C GLU B 126 -16.57 0.28 -7.24
N VAL B 127 -15.89 -0.29 -8.22
CA VAL B 127 -14.58 0.20 -8.68
C VAL B 127 -14.58 0.38 -10.18
N LEU B 128 -13.60 1.15 -10.66
CA LEU B 128 -13.46 1.43 -12.08
C LEU B 128 -12.04 1.16 -12.55
N VAL B 129 -11.93 0.43 -13.66
CA VAL B 129 -10.62 0.18 -14.30
C VAL B 129 -10.61 0.97 -15.58
N VAL B 130 -9.59 1.82 -15.73
CA VAL B 130 -9.40 2.60 -16.96
C VAL B 130 -8.08 2.16 -17.59
N ASP B 131 -8.14 1.63 -18.82
CA ASP B 131 -6.96 1.08 -19.47
C ASP B 131 -7.31 0.94 -20.93
N ASP B 132 -6.44 1.42 -21.81
CA ASP B 132 -6.70 1.27 -23.25
C ASP B 132 -6.31 -0.11 -23.81
N SER B 133 -5.49 -0.86 -23.06
N SER B 133 -5.48 -0.85 -23.07
CA SER B 133 -5.12 -2.21 -23.52
CA SER B 133 -5.12 -2.21 -23.50
C SER B 133 -6.22 -3.22 -23.16
C SER B 133 -6.23 -3.20 -23.16
N ARG B 134 -6.76 -3.87 -24.17
CA ARG B 134 -7.86 -4.82 -23.97
C ARG B 134 -7.49 -5.96 -23.02
N THR B 135 -6.31 -6.55 -23.17
CA THR B 135 -5.90 -7.68 -22.30
C THR B 135 -5.62 -7.30 -20.87
N SER B 136 -4.91 -6.18 -20.68
CA SER B 136 -4.64 -5.71 -19.33
C SER B 136 -5.93 -5.23 -18.67
N ARG B 137 -6.76 -4.49 -19.39
CA ARG B 137 -8.06 -4.04 -18.86
C ARG B 137 -8.89 -5.27 -18.48
N HIS B 138 -9.05 -6.24 -19.39
CA HIS B 138 -9.82 -7.44 -19.05
C HIS B 138 -9.24 -8.27 -17.88
N ARG B 139 -7.92 -8.46 -17.82
CA ARG B 139 -7.32 -9.22 -16.69
C ARG B 139 -7.51 -8.54 -15.35
N THR B 140 -7.30 -7.23 -15.30
CA THR B 140 -7.45 -6.49 -14.06
C THR B 140 -8.94 -6.59 -13.63
N ALA B 142 -10.98 -8.97 -14.29
CA ALA B 142 -11.24 -10.36 -13.89
C ALA B 142 -10.76 -10.62 -12.47
N GLN B 143 -9.58 -10.07 -12.17
CA GLN B 143 -8.94 -10.17 -10.85
C GLN B 143 -9.73 -9.47 -9.77
N LEU B 144 -10.23 -8.28 -10.11
CA LEU B 144 -11.06 -7.49 -9.20
C LEU B 144 -12.39 -8.20 -8.96
N ARG B 145 -12.95 -8.78 -10.01
CA ARG B 145 -14.18 -9.54 -9.89
C ARG B 145 -13.98 -10.76 -8.95
N LYS B 146 -12.76 -11.27 -8.95
CA LYS B 146 -12.40 -12.36 -8.05
C LYS B 146 -12.24 -11.88 -6.62
N GLN B 147 -12.18 -10.58 -6.40
CA GLN B 147 -12.18 -10.04 -5.05
C GLN B 147 -13.65 -9.71 -4.66
N LEU B 148 -14.60 -10.15 -5.51
CA LEU B 148 -16.05 -9.93 -5.34
C LEU B 148 -16.52 -8.46 -5.48
N LEU B 149 -15.65 -7.62 -6.04
CA LEU B 149 -15.99 -6.23 -6.24
C LEU B 149 -16.93 -6.09 -7.42
N GLN B 150 -17.74 -5.02 -7.40
CA GLN B 150 -18.53 -4.62 -8.57
C GLN B 150 -17.61 -3.76 -9.46
N VAL B 151 -17.37 -4.20 -10.72
CA VAL B 151 -16.26 -3.62 -11.51
C VAL B 151 -16.74 -3.04 -12.81
N HIS B 152 -16.44 -1.75 -12.99
CA HIS B 152 -16.80 -1.04 -14.20
C HIS B 152 -15.52 -0.91 -15.02
N GLU B 153 -15.63 -0.89 -16.35
CA GLU B 153 -14.46 -0.72 -17.22
C GLU B 153 -14.60 0.50 -18.14
N ALA B 154 -13.46 1.09 -18.46
CA ALA B 154 -13.38 2.22 -19.38
C ALA B 154 -12.11 2.06 -20.20
N SER B 155 -12.22 2.32 -21.50
CA SER B 155 -11.14 2.18 -22.49
C SER B 155 -10.34 3.45 -22.73
N HIS B 156 -10.87 4.56 -22.21
CA HIS B 156 -10.20 5.87 -22.32
C HIS B 156 -10.77 6.85 -21.31
N ALA B 157 -10.07 7.98 -21.14
CA ALA B 157 -10.42 8.96 -20.08
C ALA B 157 -11.83 9.49 -20.26
N ARG B 158 -12.22 9.72 -21.52
CA ARG B 158 -13.55 10.24 -21.86
C ARG B 158 -14.65 9.30 -21.35
N GLU B 159 -14.50 8.00 -21.60
CA GLU B 159 -15.46 6.99 -21.13
C GLU B 159 -15.39 6.83 -19.61
N ALA B 160 -14.21 7.00 -19.03
CA ALA B 160 -14.03 6.92 -17.58
C ALA B 160 -14.89 7.98 -16.91
N LEU B 161 -14.71 9.21 -17.36
CA LEU B 161 -15.48 10.32 -16.85
C LEU B 161 -16.99 10.12 -16.97
N ALA B 162 -17.45 9.68 -18.14
CA ALA B 162 -18.88 9.47 -18.33
C ALA B 162 -19.40 8.39 -17.38
N THR B 163 -18.61 7.34 -17.21
CA THR B 163 -18.96 6.26 -16.30
C THR B 163 -19.07 6.72 -14.85
N LEU B 164 -18.08 7.47 -14.38
CA LEU B 164 -18.13 8.02 -13.05
C LEU B 164 -19.36 8.92 -12.86
N GLU B 165 -19.75 9.65 -13.90
CA GLU B 165 -20.92 10.51 -13.80
C GLU B 165 -22.17 9.68 -13.58
N GLN B 166 -22.29 8.58 -14.30
CA GLN B 166 -23.46 7.73 -14.27
C GLN B 166 -23.51 6.81 -13.03
N HIS B 167 -22.36 6.63 -12.41
CA HIS B 167 -22.24 5.71 -11.28
C HIS B 167 -21.45 6.34 -10.11
N PRO B 168 -22.04 7.32 -9.41
CA PRO B 168 -21.38 8.04 -8.32
C PRO B 168 -20.97 7.20 -7.12
N ALA B 169 -21.46 5.97 -7.04
CA ALA B 169 -21.04 5.07 -5.94
C ALA B 169 -19.59 4.58 -6.08
N ILE B 170 -19.03 4.63 -7.30
CA ILE B 170 -17.64 4.19 -7.55
C ILE B 170 -16.72 4.93 -6.57
N ARG B 171 -15.93 4.20 -5.81
CA ARG B 171 -15.08 4.86 -4.80
C ARG B 171 -13.58 4.64 -5.05
N LEU B 172 -13.27 3.81 -6.05
CA LEU B 172 -11.86 3.54 -6.39
C LEU B 172 -11.65 3.38 -7.89
N VAL B 173 -10.70 4.16 -8.42
CA VAL B 173 -10.38 4.10 -9.84
C VAL B 173 -8.92 3.64 -10.00
N LEU B 174 -8.72 2.73 -10.92
CA LEU B 174 -7.37 2.30 -11.27
C LEU B 174 -7.10 2.85 -12.66
N VAL B 175 -6.04 3.65 -12.78
CA VAL B 175 -5.79 4.44 -14.01
C VAL B 175 -4.47 4.06 -14.70
N ASP B 176 -4.59 3.67 -15.98
CA ASP B 176 -3.44 3.38 -16.82
C ASP B 176 -2.76 4.69 -17.22
N TYR B 177 -1.43 4.72 -17.29
CA TYR B 177 -0.75 5.96 -17.72
C TYR B 177 -0.84 6.32 -19.22
N TYR B 178 -0.42 5.41 -20.09
CA TYR B 178 -0.37 5.70 -21.52
C TYR B 178 -1.71 5.43 -22.19
N PRO B 180 -4.23 7.36 -25.52
CA PRO B 180 -4.21 8.48 -26.47
C PRO B 180 -5.18 9.60 -26.10
N GLU B 181 -4.90 10.80 -26.62
CA GLU B 181 -5.68 12.03 -26.39
C GLU B 181 -5.49 12.54 -24.97
N ILE B 182 -5.97 11.78 -23.98
CA ILE B 182 -5.86 12.18 -22.58
C ILE B 182 -5.16 11.11 -21.73
N ASP B 183 -3.95 11.40 -21.26
CA ASP B 183 -3.21 10.36 -20.53
C ASP B 183 -3.70 10.15 -19.07
N GLY B 184 -3.10 9.17 -18.41
CA GLY B 184 -3.48 8.81 -17.06
C GLY B 184 -3.27 9.95 -16.07
N ILE B 185 -2.13 10.65 -16.17
CA ILE B 185 -1.86 11.75 -15.24
C ILE B 185 -2.87 12.90 -15.46
N SER B 186 -3.28 13.12 -16.72
CA SER B 186 -4.28 14.16 -17.04
C SER B 186 -5.65 13.83 -16.46
N LEU B 187 -6.03 12.56 -16.53
CA LEU B 187 -7.27 12.08 -15.93
C LEU B 187 -7.19 12.25 -14.41
N VAL B 188 -6.10 11.79 -13.82
CA VAL B 188 -5.93 11.97 -12.37
C VAL B 188 -6.09 13.45 -11.96
N ARG B 189 -5.39 14.35 -12.67
CA ARG B 189 -5.57 15.78 -12.42
C ARG B 189 -7.04 16.22 -12.50
N LEU B 191 -9.79 14.46 -12.04
CA LEU B 191 -10.58 13.82 -11.01
C LEU B 191 -10.31 14.53 -9.69
N ARG B 192 -9.05 14.84 -9.46
CA ARG B 192 -8.62 15.48 -8.19
C ARG B 192 -9.06 16.95 -8.04
N GLU B 193 -9.36 17.62 -9.15
CA GLU B 193 -9.93 18.96 -9.11
C GLU B 193 -11.33 18.97 -8.48
N ARG B 194 -11.99 17.80 -8.49
CA ARG B 194 -13.36 17.64 -7.96
C ARG B 194 -13.40 16.86 -6.68
N TYR B 195 -12.59 15.79 -6.60
CA TYR B 195 -12.72 14.79 -5.54
C TYR B 195 -11.40 14.62 -4.77
N SER B 196 -11.51 14.63 -3.44
CA SER B 196 -10.38 14.38 -2.55
C SER B 196 -10.05 12.88 -2.48
N LYS B 197 -8.86 12.56 -1.97
CA LYS B 197 -8.41 11.17 -1.70
C LYS B 197 -9.38 10.39 -0.81
N GLN B 198 -10.14 11.08 0.03
CA GLN B 198 -11.15 10.42 0.85
C GLN B 198 -12.47 10.19 0.10
N GLN B 199 -12.69 10.93 -0.98
CA GLN B 199 -13.95 10.83 -1.71
C GLN B 199 -13.84 9.84 -2.87
N LEU B 200 -12.65 9.77 -3.47
CA LEU B 200 -12.42 8.87 -4.59
C LEU B 200 -10.96 8.43 -4.56
N ALA B 201 -10.73 7.17 -4.17
CA ALA B 201 -9.41 6.59 -4.16
C ALA B 201 -8.88 6.40 -5.57
N ILE B 202 -7.60 6.72 -5.78
CA ILE B 202 -6.99 6.54 -7.11
C ILE B 202 -5.68 5.75 -6.98
N ILE B 203 -5.61 4.64 -7.70
CA ILE B 203 -4.35 3.89 -7.86
C ILE B 203 -3.82 4.09 -9.27
N GLY B 204 -2.63 4.68 -9.35
CA GLY B 204 -1.94 4.89 -10.64
C GLY B 204 -1.15 3.65 -11.07
N ILE B 205 -1.45 3.14 -12.27
CA ILE B 205 -0.75 2.01 -12.82
C ILE B 205 0.26 2.54 -13.86
N SER B 206 1.52 2.19 -13.68
CA SER B 206 2.52 2.48 -14.71
C SER B 206 3.57 1.38 -14.82
N VAL B 207 4.46 1.54 -15.81
CA VAL B 207 5.70 0.77 -15.87
C VAL B 207 6.80 1.58 -15.15
N SER B 208 7.60 0.89 -14.33
CA SER B 208 8.60 1.58 -13.51
C SER B 208 9.91 1.83 -14.30
N ASP B 209 9.99 3.00 -14.94
CA ASP B 209 11.19 3.39 -15.70
C ASP B 209 11.70 4.82 -15.40
N LYS B 210 12.41 5.43 -16.36
CA LYS B 210 13.07 6.73 -16.19
C LYS B 210 12.14 7.95 -15.98
N ARG B 211 10.87 7.81 -16.34
CA ARG B 211 9.93 8.93 -16.23
C ARG B 211 9.45 9.18 -14.81
N GLY B 212 9.78 8.28 -13.88
CA GLY B 212 9.32 8.39 -12.50
C GLY B 212 7.82 8.62 -12.45
N LEU B 213 7.09 7.80 -13.21
CA LEU B 213 5.65 7.90 -13.32
C LEU B 213 4.94 7.73 -11.97
N SER B 214 5.32 6.71 -11.21
CA SER B 214 4.78 6.52 -9.87
C SER B 214 4.80 7.81 -9.05
N ALA B 215 5.95 8.48 -9.03
CA ALA B 215 6.07 9.77 -8.34
C ALA B 215 5.09 10.80 -8.89
N ARG B 216 5.00 10.90 -10.22
CA ARG B 216 4.09 11.84 -10.86
C ARG B 216 2.65 11.62 -10.42
N TYR B 217 2.20 10.36 -10.41
CA TYR B 217 0.88 10.02 -9.88
C TYR B 217 0.67 10.54 -8.47
N LEU B 218 1.61 10.19 -7.59
CA LEU B 218 1.50 10.53 -6.17
C LEU B 218 1.44 12.03 -5.93
N LYS B 219 2.32 12.78 -6.59
CA LYS B 219 2.32 14.24 -6.45
C LYS B 219 1.08 14.93 -7.02
N GLN B 220 0.38 14.25 -7.95
CA GLN B 220 -0.91 14.70 -8.50
C GLN B 220 -2.11 14.22 -7.67
N GLY B 221 -1.85 13.46 -6.61
CA GLY B 221 -2.87 13.10 -5.65
C GLY B 221 -3.40 11.70 -5.74
N ALA B 222 -2.80 10.86 -6.60
CA ALA B 222 -3.11 9.43 -6.57
C ALA B 222 -2.87 8.94 -5.13
N ASN B 223 -3.76 8.07 -4.64
CA ASN B 223 -3.60 7.49 -3.31
C ASN B 223 -2.41 6.53 -3.32
N ASP B 224 -2.20 5.89 -4.46
CA ASP B 224 -1.28 4.76 -4.50
C ASP B 224 -0.82 4.48 -5.92
N PHE B 225 0.14 3.58 -6.02
CA PHE B 225 0.71 3.18 -7.30
C PHE B 225 0.78 1.66 -7.36
N LEU B 226 0.72 1.12 -8.57
CA LEU B 226 0.98 -0.29 -8.76
C LEU B 226 1.70 -0.39 -10.08
N ASN B 227 2.87 -1.02 -10.08
CA ASN B 227 3.66 -1.12 -11.29
C ASN B 227 3.35 -2.40 -12.08
N GLN B 228 3.12 -2.25 -13.38
CA GLN B 228 2.93 -3.38 -14.29
C GLN B 228 4.29 -3.89 -14.78
N PRO B 229 4.46 -5.22 -14.90
CA PRO B 229 3.48 -6.28 -14.62
C PRO B 229 3.33 -6.56 -13.13
N PHE B 230 2.13 -6.97 -12.73
CA PHE B 230 1.83 -7.35 -11.34
C PHE B 230 1.04 -8.64 -11.29
N GLU B 231 1.17 -9.32 -10.14
CA GLU B 231 0.46 -10.57 -9.86
CA GLU B 231 0.47 -10.57 -9.85
C GLU B 231 -0.91 -10.29 -9.23
N PRO B 232 -1.82 -11.29 -9.26
CA PRO B 232 -3.13 -11.03 -8.67
C PRO B 232 -3.09 -10.69 -7.18
N GLU B 233 -2.20 -11.35 -6.45
CA GLU B 233 -2.06 -11.09 -5.02
C GLU B 233 -1.55 -9.69 -4.78
N GLU B 234 -0.76 -9.16 -5.71
CA GLU B 234 -0.30 -7.79 -5.62
C GLU B 234 -1.43 -6.76 -5.76
N LEU B 235 -2.24 -6.94 -6.77
CA LEU B 235 -3.45 -6.12 -6.99
C LEU B 235 -4.40 -6.25 -5.81
N GLN B 236 -4.66 -7.48 -5.36
CA GLN B 236 -5.57 -7.69 -4.23
C GLN B 236 -5.08 -6.95 -2.99
N CYS B 237 -3.81 -7.12 -2.67
CA CYS B 237 -3.18 -6.40 -1.57
C CYS B 237 -3.39 -4.89 -1.67
N ARG B 238 -2.98 -4.33 -2.81
CA ARG B 238 -3.11 -2.88 -3.05
C ARG B 238 -4.56 -2.40 -2.95
N VAL B 239 -5.47 -3.04 -3.68
CA VAL B 239 -6.86 -2.63 -3.65
C VAL B 239 -7.41 -2.72 -2.23
N SER B 240 -7.07 -3.80 -1.50
CA SER B 240 -7.56 -4.01 -0.13
C SER B 240 -7.11 -2.88 0.80
N HIS B 241 -5.82 -2.53 0.71
CA HIS B 241 -5.24 -1.45 1.53
C HIS B 241 -5.96 -0.12 1.27
N ASN B 242 -6.23 0.17 0.00
CA ASN B 242 -6.91 1.41 -0.34
C ASN B 242 -8.36 1.46 0.12
N LEU B 243 -9.07 0.35 -0.02
CA LEU B 243 -10.44 0.25 0.45
C LEU B 243 -10.50 0.38 1.98
N GLU B 244 -9.57 -0.27 2.67
CA GLU B 244 -9.47 -0.17 4.12
C GLU B 244 -9.16 1.29 4.53
N ALA B 245 -8.27 1.96 3.78
CA ALA B 245 -8.00 3.38 3.99
C ALA B 245 -9.28 4.25 3.93
N LEU B 246 -10.11 4.07 2.89
CA LEU B 246 -11.39 4.74 2.79
C LEU B 246 -12.33 4.50 3.97
N GLU B 247 -12.22 3.31 4.57
CA GLU B 247 -13.10 2.89 5.67
C GLU B 247 -12.61 3.35 7.06
N GLN B 248 -11.31 3.64 7.19
CA GLN B 248 -10.68 3.78 8.51
C GLN B 248 -9.78 5.00 8.74
N PHE B 249 -9.24 5.56 7.68
CA PHE B 249 -8.27 6.65 7.82
C PHE B 249 -9.00 7.99 7.79
#